data_9UO8
#
_entry.id   9UO8
#
_cell.length_a   125.979
_cell.length_b   75.096
_cell.length_c   110.417
_cell.angle_alpha   90.00
_cell.angle_beta   105.17
_cell.angle_gamma   90.00
#
_symmetry.space_group_name_H-M   'C 1 2 1'
#
loop_
_entity.id
_entity.type
_entity.pdbx_description
1 polymer 'Kelch-like ECH-associated protein 1'
2 non-polymer 4-ethoxy-~{N}-[4-[(4-ethoxyphenyl)sulfonylamino]-3-(2-oxidanylidene-2-pyrrol-1-yl-ethyl)naphthalen-1-yl]benzenesulfonamide
3 non-polymer 'FORMIC ACID'
4 water water
#
_entity_poly.entity_id   1
_entity_poly.type   'polypeptide(L)'
_entity_poly.pdbx_seq_one_letter_code
;GAPKVGRLIYTAGGYFRQSLSYLEAYNPSNGSWLRLADLQVPRSGLAGCVVGGLLYAVGGRNNSPDGNTDSSALDCYNPM
TNQWSPCASMSVPRNRIGVGVIDGHIYAVGGSHGCIHHSSVERYEPERDEWHLVAPMLTRRIGVGVAVLNRLLYAVGGFD
GTNRLNSAECYYPERNEWRMITPMNTIRSGAGVCVLHNCIYAAGGYDGQDQLNSVERYDVETETWTFVAPMRHHRSALGI
TVHQGKIYVLGGYDGHTFLDSVECYDPDSDTWSEVTRMTSGRSGVGVAVT
;
_entity_poly.pdbx_strand_id   A,B
#
loop_
_chem_comp.id
_chem_comp.type
_chem_comp.name
_chem_comp.formula
A1L9D non-polymer 4-ethoxy-~{N}-[4-[(4-ethoxyphenyl)sulfonylamino]-3-(2-oxidanylidene-2-pyrrol-1-yl-ethyl)naphthalen-1-yl]benzenesulfonamide 'C32 H31 N3 O7 S2'
FMT non-polymer 'FORMIC ACID' 'C H2 O2'
#
# COMPACT_ATOMS: atom_id res chain seq x y z
N GLY A 6 9.26 29.35 -8.44
CA GLY A 6 8.14 30.04 -7.82
C GLY A 6 8.19 29.87 -6.32
N ARG A 7 7.02 29.71 -5.67
CA ARG A 7 7.07 29.36 -4.25
C ARG A 7 5.79 28.73 -3.70
N LEU A 8 4.68 28.66 -4.46
CA LEU A 8 3.53 27.86 -4.01
C LEU A 8 3.27 26.70 -4.95
N ILE A 9 2.75 25.61 -4.36
CA ILE A 9 2.31 24.44 -5.11
C ILE A 9 0.82 24.58 -5.33
N TYR A 10 0.40 24.79 -6.58
CA TYR A 10 -1.02 24.91 -6.91
C TYR A 10 -1.58 23.56 -7.32
N THR A 11 -2.81 23.28 -6.90
CA THR A 11 -3.50 22.07 -7.36
C THR A 11 -4.90 22.46 -7.81
N ALA A 12 -5.21 22.13 -9.06
CA ALA A 12 -6.46 22.52 -9.69
C ALA A 12 -7.29 21.29 -10.04
N GLY A 13 -8.61 21.40 -9.82
CA GLY A 13 -9.56 20.39 -10.22
C GLY A 13 -9.40 19.09 -9.44
N GLY A 14 -9.73 18.00 -10.09
CA GLY A 14 -9.67 16.70 -9.45
C GLY A 14 -11.03 16.02 -9.43
N TYR A 15 -11.09 14.90 -8.74
CA TYR A 15 -12.29 14.06 -8.72
C TYR A 15 -12.49 13.47 -7.34
N PHE A 16 -13.72 13.59 -6.84
CA PHE A 16 -14.20 12.82 -5.70
C PHE A 16 -15.72 12.80 -5.82
N ARG A 17 -16.28 11.64 -6.19
CA ARG A 17 -17.69 11.45 -6.52
C ARG A 17 -18.07 12.14 -7.82
N GLN A 18 -17.54 13.34 -8.06
CA GLN A 18 -17.68 14.03 -9.33
C GLN A 18 -16.43 14.87 -9.56
N SER A 19 -16.30 15.41 -10.78
CA SER A 19 -15.18 16.30 -11.04
C SER A 19 -15.34 17.57 -10.22
N LEU A 20 -14.20 18.16 -9.85
CA LEU A 20 -14.11 19.18 -8.82
C LEU A 20 -13.68 20.51 -9.40
N SER A 21 -13.94 21.61 -8.67
CA SER A 21 -13.63 22.95 -9.15
C SER A 21 -12.55 23.63 -8.33
N TYR A 22 -11.94 22.91 -7.39
CA TYR A 22 -10.98 23.50 -6.45
C TYR A 22 -9.79 24.12 -7.17
N LEU A 23 -9.36 25.28 -6.68
CA LEU A 23 -7.98 25.73 -6.82
C LEU A 23 -7.46 26.01 -5.43
N GLU A 24 -6.48 25.24 -4.97
CA GLU A 24 -5.85 25.45 -3.68
C GLU A 24 -4.34 25.48 -3.87
N ALA A 25 -3.66 26.11 -2.91
CA ALA A 25 -2.22 26.28 -3.01
C ALA A 25 -1.59 25.94 -1.67
N TYR A 26 -0.47 25.25 -1.73
CA TYR A 26 0.25 24.84 -0.54
C TYR A 26 1.58 25.59 -0.47
N ASN A 27 1.86 26.18 0.71
CA ASN A 27 3.15 26.84 0.94
C ASN A 27 4.03 25.90 1.73
N PRO A 28 5.04 25.27 1.14
CA PRO A 28 5.88 24.34 1.91
C PRO A 28 6.68 25.03 3.00
N SER A 29 6.84 26.35 2.94
CA SER A 29 7.64 27.04 3.95
C SER A 29 6.92 27.07 5.29
N ASN A 30 5.62 27.33 5.29
CA ASN A 30 4.88 27.47 6.53
C ASN A 30 3.73 26.48 6.69
N GLY A 31 3.53 25.57 5.74
CA GLY A 31 2.48 24.58 5.86
C GLY A 31 1.07 25.07 5.59
N SER A 32 0.90 26.34 5.22
CA SER A 32 -0.44 26.85 5.02
C SER A 32 -1.04 26.38 3.70
N TRP A 33 -2.34 26.14 3.72
CA TRP A 33 -3.10 25.94 2.50
C TRP A 33 -3.91 27.18 2.18
N LEU A 34 -3.91 27.58 0.92
CA LEU A 34 -4.69 28.72 0.44
C LEU A 34 -5.88 28.21 -0.37
N ARG A 35 -7.07 28.75 -0.08
CA ARG A 35 -8.27 28.47 -0.87
C ARG A 35 -8.44 29.61 -1.86
N LEU A 36 -8.26 29.30 -3.15
CA LEU A 36 -8.25 30.32 -4.19
C LEU A 36 -9.50 30.16 -5.06
N ALA A 37 -9.61 30.97 -6.10
CA ALA A 37 -10.84 31.01 -6.87
C ALA A 37 -11.10 29.69 -7.58
N ASP A 38 -12.35 29.23 -7.50
CA ASP A 38 -12.78 28.01 -8.18
C ASP A 38 -12.57 28.12 -9.69
N LEU A 39 -12.26 26.98 -10.31
CA LEU A 39 -12.37 26.86 -11.76
C LEU A 39 -13.78 27.22 -12.22
N GLN A 40 -13.90 27.73 -13.45
CA GLN A 40 -15.23 28.07 -13.94
C GLN A 40 -16.05 26.86 -14.33
N VAL A 41 -15.41 25.76 -14.73
CA VAL A 41 -16.08 24.49 -15.03
C VAL A 41 -15.32 23.38 -14.32
N PRO A 42 -15.98 22.45 -13.64
CA PRO A 42 -15.25 21.39 -12.93
C PRO A 42 -14.47 20.50 -13.90
N ARG A 43 -13.31 20.03 -13.47
CA ARG A 43 -12.65 19.05 -14.33
C ARG A 43 -11.66 18.19 -13.54
N SER A 44 -11.55 16.96 -14.00
CA SER A 44 -10.58 15.99 -13.54
C SER A 44 -9.83 15.48 -14.77
N GLY A 45 -8.70 14.81 -14.55
CA GLY A 45 -7.89 14.34 -15.66
C GLY A 45 -7.26 15.44 -16.49
N LEU A 46 -7.16 16.64 -15.94
CA LEU A 46 -6.50 17.79 -16.53
C LEU A 46 -5.01 17.84 -16.11
N ALA A 47 -4.25 18.73 -16.76
CA ALA A 47 -2.88 19.00 -16.36
C ALA A 47 -2.71 20.49 -16.02
N GLY A 48 -1.79 20.78 -15.12
CA GLY A 48 -1.45 22.16 -14.79
C GLY A 48 -0.06 22.49 -15.28
N CYS A 49 0.16 23.73 -15.67
CA CYS A 49 1.52 24.21 -15.89
C CYS A 49 1.56 25.71 -15.70
N VAL A 50 2.77 26.26 -15.74
CA VAL A 50 2.97 27.68 -15.47
C VAL A 50 3.88 28.23 -16.56
N VAL A 51 3.48 29.37 -17.13
CA VAL A 51 4.32 30.13 -18.06
C VAL A 51 4.22 31.59 -17.67
N GLY A 52 5.36 32.22 -17.44
CA GLY A 52 5.39 33.64 -17.14
C GLY A 52 4.49 34.02 -15.99
N GLY A 53 4.58 33.29 -14.88
CA GLY A 53 3.84 33.62 -13.69
C GLY A 53 2.35 33.33 -13.74
N LEU A 54 1.83 32.78 -14.83
CA LEU A 54 0.43 32.44 -14.95
C LEU A 54 0.26 30.93 -14.88
N LEU A 55 -0.79 30.48 -14.20
CA LEU A 55 -1.13 29.06 -14.09
C LEU A 55 -2.14 28.71 -15.17
N TYR A 56 -1.91 27.58 -15.85
CA TYR A 56 -2.81 27.12 -16.89
C TYR A 56 -3.39 25.77 -16.52
N ALA A 57 -4.69 25.60 -16.79
CA ALA A 57 -5.40 24.34 -16.60
C ALA A 57 -5.81 23.84 -17.98
N VAL A 58 -5.36 22.64 -18.34
CA VAL A 58 -5.43 22.17 -19.72
C VAL A 58 -6.24 20.88 -19.78
N GLY A 59 -7.25 20.85 -20.65
CA GLY A 59 -7.87 19.57 -20.94
C GLY A 59 -8.66 19.03 -19.75
N GLY A 60 -8.85 17.71 -19.79
CA GLY A 60 -9.57 17.02 -18.74
C GLY A 60 -11.00 16.68 -19.15
N ARG A 61 -11.88 16.59 -18.17
CA ARG A 61 -13.24 16.12 -18.38
C ARG A 61 -14.08 16.49 -17.16
N ASN A 62 -15.35 16.77 -17.39
CA ASN A 62 -16.30 16.97 -16.31
C ASN A 62 -17.13 15.70 -16.15
N ASN A 63 -16.77 14.87 -15.17
CA ASN A 63 -17.56 13.71 -14.74
C ASN A 63 -18.55 14.18 -13.68
N SER A 64 -19.81 14.32 -14.06
CA SER A 64 -20.82 14.87 -13.19
C SER A 64 -22.01 13.91 -13.14
N PRO A 65 -22.90 14.07 -12.16
CA PRO A 65 -24.10 13.20 -12.15
C PRO A 65 -24.96 13.36 -13.40
N ASP A 66 -24.90 14.51 -14.07
CA ASP A 66 -25.74 14.74 -15.25
C ASP A 66 -25.10 14.30 -16.56
N GLY A 67 -23.82 13.95 -16.54
CA GLY A 67 -23.15 13.54 -17.76
C GLY A 67 -21.65 13.69 -17.63
N ASN A 68 -20.96 13.22 -18.67
CA ASN A 68 -19.51 13.29 -18.74
C ASN A 68 -19.13 13.96 -20.05
N THR A 69 -18.34 15.03 -19.95
CA THR A 69 -17.95 15.83 -21.12
C THR A 69 -16.43 16.05 -21.09
N ASP A 70 -15.73 15.53 -22.09
CA ASP A 70 -14.29 15.80 -22.19
C ASP A 70 -14.05 17.25 -22.57
N SER A 71 -12.92 17.79 -22.12
CA SER A 71 -12.63 19.22 -22.19
C SER A 71 -11.49 19.49 -23.18
N SER A 72 -11.73 20.42 -24.12
CA SER A 72 -10.69 21.01 -24.93
C SER A 72 -10.20 22.33 -24.35
N ALA A 73 -10.62 22.66 -23.14
CA ALA A 73 -10.43 24.00 -22.60
C ALA A 73 -8.98 24.27 -22.17
N LEU A 74 -8.57 25.51 -22.36
CA LEU A 74 -7.38 26.06 -21.71
C LEU A 74 -7.84 27.27 -20.92
N ASP A 75 -7.60 27.26 -19.63
CA ASP A 75 -7.97 28.40 -18.79
C ASP A 75 -6.73 28.91 -18.07
N CYS A 76 -6.69 30.22 -17.88
CA CYS A 76 -5.51 30.94 -17.41
C CYS A 76 -5.83 31.59 -16.08
N TYR A 77 -5.03 31.28 -15.05
CA TYR A 77 -5.22 31.82 -13.71
C TYR A 77 -4.09 32.80 -13.42
N ASN A 78 -4.45 34.04 -13.08
CA ASN A 78 -3.48 35.04 -12.67
C ASN A 78 -3.47 35.09 -11.15
N PRO A 79 -2.37 34.71 -10.48
CA PRO A 79 -2.35 34.77 -9.02
C PRO A 79 -2.48 36.19 -8.46
N MET A 80 -2.16 37.21 -9.25
CA MET A 80 -2.24 38.58 -8.76
C MET A 80 -3.67 39.08 -8.65
N THR A 81 -4.57 38.53 -9.47
CA THR A 81 -5.97 38.93 -9.46
C THR A 81 -6.90 37.85 -8.94
N ASN A 82 -6.37 36.65 -8.66
CA ASN A 82 -7.16 35.52 -8.19
C ASN A 82 -8.32 35.25 -9.14
N GLN A 83 -8.07 35.39 -10.44
CA GLN A 83 -9.13 35.28 -11.43
C GLN A 83 -8.72 34.29 -12.52
N TRP A 84 -9.64 33.40 -12.87
CA TRP A 84 -9.53 32.53 -14.05
C TRP A 84 -10.09 33.25 -15.28
N SER A 85 -9.39 33.10 -16.41
CA SER A 85 -9.88 33.62 -17.68
C SER A 85 -9.80 32.53 -18.74
N PRO A 86 -10.79 32.41 -19.62
CA PRO A 86 -10.68 31.45 -20.72
C PRO A 86 -9.61 31.88 -21.71
N CYS A 87 -8.79 30.93 -22.12
CA CYS A 87 -7.84 31.14 -23.21
C CYS A 87 -8.31 30.30 -24.40
N ALA A 88 -7.55 30.35 -25.51
CA ALA A 88 -7.99 29.63 -26.70
C ALA A 88 -8.08 28.14 -26.41
N SER A 89 -9.17 27.52 -26.87
CA SER A 89 -9.34 26.08 -26.76
C SER A 89 -8.42 25.32 -27.70
N MET A 90 -8.15 24.09 -27.31
CA MET A 90 -7.35 23.15 -28.06
C MET A 90 -8.15 22.70 -29.30
N SER A 91 -7.47 22.07 -30.25
CA SER A 91 -8.12 21.56 -31.45
C SER A 91 -9.12 20.45 -31.14
N VAL A 92 -8.96 19.76 -30.01
CA VAL A 92 -9.68 18.55 -29.69
C VAL A 92 -9.71 18.42 -28.16
N PRO A 93 -10.76 17.83 -27.57
CA PRO A 93 -10.73 17.54 -26.14
C PRO A 93 -9.67 16.50 -25.82
N ARG A 94 -9.05 16.64 -24.63
CA ARG A 94 -7.96 15.74 -24.20
C ARG A 94 -8.12 15.44 -22.71
N ASN A 95 -8.84 14.36 -22.41
CA ASN A 95 -8.93 13.91 -21.03
C ASN A 95 -7.74 13.01 -20.73
N ARG A 96 -7.28 13.02 -19.47
CA ARG A 96 -6.09 12.26 -19.06
C ARG A 96 -4.89 12.66 -19.91
N ILE A 97 -4.72 13.98 -20.04
CA ILE A 97 -3.73 14.64 -20.86
C ILE A 97 -2.41 14.74 -20.10
N GLY A 98 -1.31 14.89 -20.84
CA GLY A 98 -0.05 15.31 -20.25
C GLY A 98 0.39 16.63 -20.87
N VAL A 99 1.10 17.45 -20.08
CA VAL A 99 1.59 18.72 -20.64
C VAL A 99 3.03 18.97 -20.20
N GLY A 100 3.76 19.69 -21.05
CA GLY A 100 5.06 20.21 -20.68
C GLY A 100 5.25 21.57 -21.32
N VAL A 101 6.24 22.31 -20.82
CA VAL A 101 6.52 23.66 -21.29
C VAL A 101 7.96 23.71 -21.81
N ILE A 102 8.15 24.21 -23.04
CA ILE A 102 9.49 24.45 -23.57
C ILE A 102 9.50 25.85 -24.14
N ASP A 103 10.43 26.68 -23.69
CA ASP A 103 10.64 28.01 -24.25
C ASP A 103 9.35 28.84 -24.25
N GLY A 104 8.61 28.79 -23.13
CA GLY A 104 7.40 29.58 -23.02
C GLY A 104 6.21 29.11 -23.84
N HIS A 105 6.26 27.91 -24.39
CA HIS A 105 5.16 27.33 -25.15
C HIS A 105 4.65 26.10 -24.42
N ILE A 106 3.32 25.90 -24.41
CA ILE A 106 2.71 24.74 -23.76
C ILE A 106 2.47 23.64 -24.79
N TYR A 107 2.93 22.42 -24.47
CA TYR A 107 2.68 21.24 -25.29
C TYR A 107 1.60 20.40 -24.62
N ALA A 108 0.52 20.15 -25.35
CA ALA A 108 -0.57 19.28 -24.93
C ALA A 108 -0.37 17.95 -25.63
N VAL A 109 -0.24 16.88 -24.84
CA VAL A 109 0.20 15.58 -25.34
C VAL A 109 -0.89 14.55 -25.10
N GLY A 110 -1.34 13.91 -26.19
CA GLY A 110 -2.20 12.73 -26.06
C GLY A 110 -3.53 13.01 -25.38
N GLY A 111 -3.96 12.07 -24.53
CA GLY A 111 -5.26 12.16 -23.89
C GLY A 111 -6.34 11.56 -24.76
N SER A 112 -7.59 11.64 -24.28
CA SER A 112 -8.72 10.99 -24.94
C SER A 112 -9.87 11.94 -25.21
N HIS A 113 -10.64 11.63 -26.26
CA HIS A 113 -11.91 12.29 -26.55
C HIS A 113 -12.91 11.17 -26.83
N GLY A 114 -13.82 10.93 -25.89
CA GLY A 114 -14.63 9.73 -25.98
C GLY A 114 -13.72 8.52 -25.98
N CYS A 115 -13.88 7.66 -26.98
CA CYS A 115 -13.05 6.47 -27.11
C CYS A 115 -11.85 6.70 -28.01
N ILE A 116 -11.67 7.90 -28.53
CA ILE A 116 -10.51 8.21 -29.35
C ILE A 116 -9.32 8.41 -28.42
N HIS A 117 -8.28 7.59 -28.59
CA HIS A 117 -7.02 7.75 -27.86
C HIS A 117 -6.04 8.50 -28.76
N HIS A 118 -5.67 9.72 -28.37
CA HIS A 118 -4.89 10.57 -29.26
C HIS A 118 -3.42 10.16 -29.25
N SER A 119 -2.81 10.19 -30.43
CA SER A 119 -1.37 10.35 -30.52
C SER A 119 -0.96 11.78 -30.87
N SER A 120 -1.92 12.66 -31.15
CA SER A 120 -1.61 14.02 -31.58
C SER A 120 -1.07 14.87 -30.43
N VAL A 121 -0.37 15.92 -30.81
CA VAL A 121 0.31 16.85 -29.90
C VAL A 121 0.11 18.24 -30.48
N GLU A 122 -0.21 19.21 -29.62
CA GLU A 122 -0.35 20.57 -30.11
C GLU A 122 0.33 21.53 -29.15
N ARG A 123 0.72 22.67 -29.69
CA ARG A 123 1.57 23.65 -29.02
C ARG A 123 0.87 25.00 -28.94
N TYR A 124 0.82 25.56 -27.74
CA TYR A 124 0.19 26.82 -27.45
C TYR A 124 1.23 27.92 -27.33
N GLU A 125 0.97 29.06 -27.95
CA GLU A 125 1.86 30.20 -27.80
C GLU A 125 1.12 31.29 -27.06
N PRO A 126 1.47 31.59 -25.80
CA PRO A 126 0.71 32.60 -25.04
C PRO A 126 0.63 33.96 -25.71
N GLU A 127 1.70 34.40 -26.38
CA GLU A 127 1.70 35.72 -27.00
C GLU A 127 0.65 35.85 -28.09
N ARG A 128 0.35 34.76 -28.82
CA ARG A 128 -0.67 34.79 -29.87
C ARG A 128 -2.02 34.21 -29.42
N ASP A 129 -2.08 33.56 -28.27
CA ASP A 129 -3.29 32.82 -27.83
C ASP A 129 -3.78 31.89 -28.94
N GLU A 130 -2.85 31.09 -29.45
CA GLU A 130 -3.11 30.18 -30.57
C GLU A 130 -2.48 28.82 -30.28
N TRP A 131 -3.17 27.76 -30.71
CA TRP A 131 -2.66 26.40 -30.70
C TRP A 131 -2.31 25.99 -32.13
N HIS A 132 -1.23 25.22 -32.30
CA HIS A 132 -0.92 24.59 -33.57
C HIS A 132 -0.51 23.14 -33.33
N LEU A 133 -0.94 22.24 -34.22
CA LEU A 133 -0.48 20.85 -34.15
C LEU A 133 1.01 20.77 -34.50
N VAL A 134 1.70 19.87 -33.81
CA VAL A 134 3.07 19.56 -34.19
C VAL A 134 3.07 18.08 -34.58
N ALA A 135 4.24 17.48 -34.69
CA ALA A 135 4.30 16.08 -35.11
C ALA A 135 3.66 15.20 -34.04
N PRO A 136 2.86 14.21 -34.44
CA PRO A 136 2.24 13.33 -33.45
C PRO A 136 3.24 12.34 -32.88
N MET A 137 2.92 11.80 -31.71
CA MET A 137 3.77 10.78 -31.12
C MET A 137 3.71 9.51 -31.96
N LEU A 138 4.68 8.62 -31.71
CA LEU A 138 4.69 7.31 -32.35
C LEU A 138 3.61 6.39 -31.79
N THR A 139 3.01 6.73 -30.65
CA THR A 139 2.08 5.90 -29.90
C THR A 139 0.91 6.75 -29.43
N ARG A 140 -0.31 6.21 -29.53
CA ARG A 140 -1.44 6.80 -28.83
C ARG A 140 -1.26 6.64 -27.33
N ARG A 141 -1.48 7.71 -26.55
CA ARG A 141 -1.25 7.64 -25.11
C ARG A 141 -2.25 8.51 -24.38
N ILE A 142 -3.05 7.89 -23.49
CA ILE A 142 -3.86 8.59 -22.52
C ILE A 142 -3.37 8.17 -21.14
N GLY A 143 -3.63 9.02 -20.14
CA GLY A 143 -2.99 8.76 -18.86
C GLY A 143 -1.48 8.78 -18.96
N VAL A 144 -0.95 9.68 -19.76
CA VAL A 144 0.46 9.80 -20.08
C VAL A 144 1.10 10.80 -19.12
N GLY A 145 2.35 10.58 -18.74
CA GLY A 145 3.13 11.56 -18.00
C GLY A 145 4.08 12.27 -18.94
N VAL A 146 4.36 13.55 -18.64
CA VAL A 146 5.21 14.35 -19.51
C VAL A 146 6.29 15.00 -18.65
N ALA A 147 7.53 15.00 -19.15
CA ALA A 147 8.64 15.69 -18.51
C ALA A 147 9.44 16.46 -19.54
N VAL A 148 9.99 17.60 -19.13
CA VAL A 148 10.84 18.39 -20.01
C VAL A 148 12.25 18.40 -19.45
N LEU A 149 13.22 18.04 -20.29
CA LEU A 149 14.61 17.90 -19.87
C LEU A 149 15.48 18.28 -21.06
N ASN A 150 16.44 19.20 -20.86
CA ASN A 150 17.39 19.58 -21.90
C ASN A 150 16.66 20.09 -23.15
N ARG A 151 15.55 20.78 -22.93
CA ARG A 151 14.71 21.35 -23.99
C ARG A 151 14.17 20.25 -24.90
N LEU A 152 14.05 19.04 -24.37
CA LEU A 152 13.36 17.95 -25.03
C LEU A 152 12.14 17.56 -24.20
N LEU A 153 11.12 17.03 -24.86
CA LEU A 153 9.87 16.67 -24.20
C LEU A 153 9.73 15.16 -24.21
N TYR A 154 9.49 14.58 -23.04
CA TYR A 154 9.40 13.13 -22.88
C TYR A 154 7.97 12.74 -22.53
N ALA A 155 7.42 11.78 -23.28
CA ALA A 155 6.10 11.24 -23.02
C ALA A 155 6.27 9.82 -22.49
N VAL A 156 5.74 9.57 -21.29
CA VAL A 156 6.10 8.37 -20.52
C VAL A 156 4.82 7.58 -20.19
N GLY A 157 4.78 6.31 -20.62
CA GLY A 157 3.70 5.43 -20.22
C GLY A 157 2.35 5.77 -20.86
N GLY A 158 1.29 5.33 -20.19
CA GLY A 158 -0.08 5.58 -20.64
C GLY A 158 -0.77 4.33 -21.14
N PHE A 159 -1.85 4.54 -21.88
CA PHE A 159 -2.69 3.47 -22.41
C PHE A 159 -3.04 3.81 -23.85
N ASP A 160 -2.81 2.88 -24.79
CA ASP A 160 -2.99 3.20 -26.21
C ASP A 160 -4.37 2.82 -26.75
N GLY A 161 -5.27 2.35 -25.90
CA GLY A 161 -6.59 1.89 -26.30
C GLY A 161 -6.73 0.38 -26.23
N THR A 162 -5.64 -0.35 -26.36
CA THR A 162 -5.61 -1.79 -26.13
C THR A 162 -4.51 -2.21 -25.17
N ASN A 163 -3.34 -1.57 -25.25
CA ASN A 163 -2.16 -1.95 -24.48
C ASN A 163 -1.87 -0.86 -23.44
N ARG A 164 -1.63 -1.28 -22.20
CA ARG A 164 -1.07 -0.39 -21.19
C ARG A 164 0.45 -0.41 -21.33
N LEU A 165 1.09 0.74 -21.17
CA LEU A 165 2.42 0.97 -21.74
C LEU A 165 3.50 1.11 -20.67
N ASN A 166 4.65 0.46 -20.91
CA ASN A 166 5.89 0.86 -20.25
C ASN A 166 6.76 1.69 -21.18
N SER A 167 6.35 1.88 -22.42
CA SER A 167 7.14 2.60 -23.40
C SER A 167 7.17 4.10 -23.06
N ALA A 168 8.19 4.77 -23.59
CA ALA A 168 8.34 6.22 -23.50
C ALA A 168 9.02 6.69 -24.78
N GLU A 169 8.80 7.96 -25.11
CA GLU A 169 9.39 8.54 -26.31
C GLU A 169 9.73 10.00 -26.07
N CYS A 170 10.57 10.53 -26.96
CA CYS A 170 11.25 11.82 -26.79
C CYS A 170 10.96 12.68 -27.99
N TYR A 171 10.46 13.90 -27.74
CA TYR A 171 10.17 14.86 -28.81
C TYR A 171 11.30 15.89 -28.90
N TYR A 172 11.77 16.12 -30.14
CA TYR A 172 12.79 17.10 -30.49
C TYR A 172 12.13 18.32 -31.14
N PRO A 173 11.90 19.41 -30.41
CA PRO A 173 11.16 20.55 -30.99
C PRO A 173 11.85 21.17 -32.18
N GLU A 174 13.18 21.24 -32.20
CA GLU A 174 13.83 21.90 -33.34
C GLU A 174 13.68 21.09 -34.62
N ARG A 175 13.71 19.75 -34.51
CA ARG A 175 13.54 18.87 -35.65
C ARG A 175 12.08 18.49 -35.91
N ASN A 176 11.20 18.69 -34.92
CA ASN A 176 9.79 18.32 -34.98
C ASN A 176 9.63 16.82 -35.27
N GLU A 177 10.20 16.00 -34.38
CA GLU A 177 10.14 14.55 -34.57
C GLU A 177 10.25 13.86 -33.21
N TRP A 178 9.72 12.64 -33.17
CA TRP A 178 9.73 11.81 -31.97
C TRP A 178 10.61 10.58 -32.17
N ARG A 179 11.24 10.13 -31.07
CA ARG A 179 11.98 8.86 -31.09
C ARG A 179 11.66 8.05 -29.83
N MET A 180 11.49 6.74 -29.98
CA MET A 180 11.28 5.89 -28.82
C MET A 180 12.56 5.85 -27.99
N ILE A 181 12.42 5.84 -26.66
CA ILE A 181 13.56 5.64 -25.78
C ILE A 181 13.40 4.30 -25.06
N THR A 182 14.32 3.99 -24.16
CA THR A 182 14.26 2.75 -23.40
C THR A 182 12.95 2.70 -22.61
N PRO A 183 12.24 1.57 -22.59
CA PRO A 183 11.01 1.48 -21.79
C PRO A 183 11.32 1.37 -20.31
N MET A 184 10.33 1.76 -19.50
CA MET A 184 10.36 1.62 -18.06
C MET A 184 10.42 0.14 -17.67
N ASN A 185 10.81 -0.12 -16.41
CA ASN A 185 10.73 -1.47 -15.85
C ASN A 185 9.29 -1.89 -15.60
N THR A 186 8.38 -0.94 -15.40
CA THR A 186 7.00 -1.21 -15.02
C THR A 186 6.04 -0.59 -16.05
N ILE A 187 5.00 -1.33 -16.41
CA ILE A 187 3.87 -0.73 -17.11
C ILE A 187 3.22 0.31 -16.21
N ARG A 188 3.00 1.53 -16.72
CA ARG A 188 2.36 2.57 -15.90
C ARG A 188 1.48 3.46 -16.76
N SER A 189 0.19 3.47 -16.48
CA SER A 189 -0.67 4.58 -16.87
C SER A 189 -1.06 5.36 -15.61
N GLY A 190 -1.34 6.65 -15.79
CA GLY A 190 -1.80 7.46 -14.67
C GLY A 190 -0.73 7.68 -13.61
N ALA A 191 0.53 7.65 -14.01
CA ALA A 191 1.62 7.91 -13.09
C ALA A 191 1.86 9.41 -12.98
N GLY A 192 2.62 9.81 -11.96
CA GLY A 192 3.13 11.16 -11.89
C GLY A 192 4.53 11.16 -12.49
N VAL A 193 4.76 12.05 -13.46
CA VAL A 193 6.04 12.13 -14.14
C VAL A 193 6.61 13.54 -14.00
N CYS A 194 7.88 13.64 -13.61
CA CYS A 194 8.50 14.94 -13.41
C CYS A 194 10.01 14.82 -13.64
N VAL A 195 10.70 15.95 -13.56
CA VAL A 195 12.14 16.00 -13.71
C VAL A 195 12.74 16.55 -12.43
N LEU A 196 13.79 15.89 -11.94
CA LEU A 196 14.49 16.36 -10.75
C LEU A 196 15.96 16.03 -10.91
N HIS A 197 16.80 17.05 -10.81
CA HIS A 197 18.27 16.90 -10.87
C HIS A 197 18.68 16.05 -12.06
N ASN A 198 18.16 16.40 -13.24
CA ASN A 198 18.55 15.84 -14.52
C ASN A 198 18.08 14.41 -14.76
N CYS A 199 17.15 13.89 -13.97
CA CYS A 199 16.55 12.59 -14.23
C CYS A 199 15.04 12.74 -14.37
N ILE A 200 14.44 11.81 -15.12
CA ILE A 200 12.99 11.76 -15.28
C ILE A 200 12.45 10.74 -14.29
N TYR A 201 11.53 11.17 -13.43
CA TYR A 201 10.89 10.28 -12.45
C TYR A 201 9.51 9.88 -12.92
N ALA A 202 9.19 8.61 -12.74
CA ALA A 202 7.84 8.07 -12.95
C ALA A 202 7.40 7.44 -11.64
N ALA A 203 6.39 8.02 -10.99
CA ALA A 203 5.96 7.59 -9.67
C ALA A 203 4.53 7.07 -9.72
N GLY A 204 4.29 5.91 -9.12
CA GLY A 204 2.95 5.38 -9.06
C GLY A 204 2.38 5.06 -10.43
N GLY A 205 1.05 5.15 -10.51
CA GLY A 205 0.30 4.75 -11.69
C GLY A 205 -0.41 3.41 -11.50
N TYR A 206 -0.77 2.82 -12.64
CA TYR A 206 -1.57 1.59 -12.70
C TYR A 206 -0.93 0.67 -13.71
N ASP A 207 -0.60 -0.56 -13.31
CA ASP A 207 0.14 -1.47 -14.20
C ASP A 207 -0.76 -2.46 -14.92
N GLY A 208 -2.08 -2.29 -14.84
CA GLY A 208 -3.04 -3.24 -15.37
C GLY A 208 -3.60 -4.20 -14.33
N GLN A 209 -2.94 -4.32 -13.19
CA GLN A 209 -3.39 -5.17 -12.08
C GLN A 209 -3.68 -4.38 -10.82
N ASP A 210 -2.83 -3.40 -10.50
CA ASP A 210 -2.88 -2.73 -9.21
C ASP A 210 -2.35 -1.32 -9.37
N GLN A 211 -2.84 -0.43 -8.53
CA GLN A 211 -2.16 0.84 -8.33
C GLN A 211 -0.77 0.58 -7.76
N LEU A 212 0.16 1.47 -8.06
CA LEU A 212 1.57 1.27 -7.75
C LEU A 212 2.05 2.26 -6.70
N ASN A 213 2.91 1.81 -5.79
CA ASN A 213 3.72 2.71 -5.00
C ASN A 213 5.16 2.80 -5.49
N SER A 214 5.57 1.98 -6.45
CA SER A 214 6.95 2.02 -6.90
C SER A 214 7.23 3.31 -7.68
N VAL A 215 8.51 3.64 -7.76
CA VAL A 215 9.00 4.87 -8.39
C VAL A 215 10.30 4.52 -9.10
N GLU A 216 10.44 4.92 -10.36
CA GLU A 216 11.67 4.67 -11.08
C GLU A 216 12.08 5.94 -11.81
N ARG A 217 13.36 6.03 -12.12
CA ARG A 217 13.87 7.24 -12.74
C ARG A 217 14.79 6.89 -13.90
N TYR A 218 14.74 7.73 -14.92
CA TYR A 218 15.48 7.57 -16.15
C TYR A 218 16.65 8.55 -16.20
N ASP A 219 17.84 8.03 -16.44
CA ASP A 219 19.04 8.83 -16.63
C ASP A 219 19.30 8.90 -18.13
N VAL A 220 19.21 10.11 -18.70
CA VAL A 220 19.20 10.22 -20.16
C VAL A 220 20.54 9.82 -20.77
N GLU A 221 21.63 9.90 -20.01
CA GLU A 221 22.91 9.51 -20.58
C GLU A 221 23.19 8.02 -20.42
N THR A 222 22.78 7.39 -19.30
CA THR A 222 22.93 5.94 -19.22
C THR A 222 21.84 5.21 -19.98
N GLU A 223 20.74 5.91 -20.33
CA GLU A 223 19.62 5.31 -21.04
C GLU A 223 18.99 4.16 -20.25
N THR A 224 19.06 4.24 -18.92
CA THR A 224 18.56 3.17 -18.07
C THR A 224 17.58 3.73 -17.04
N TRP A 225 16.58 2.92 -16.72
CA TRP A 225 15.61 3.22 -15.67
C TRP A 225 16.00 2.45 -14.41
N THR A 226 16.00 3.15 -13.27
CA THR A 226 16.36 2.54 -12.00
C THR A 226 15.29 2.84 -10.95
N PHE A 227 14.93 1.83 -10.17
CA PHE A 227 13.98 2.03 -9.08
C PHE A 227 14.62 2.81 -7.95
N VAL A 228 13.83 3.68 -7.33
CA VAL A 228 14.25 4.35 -6.09
C VAL A 228 13.29 3.92 -4.99
N ALA A 229 13.34 4.61 -3.85
CA ALA A 229 12.46 4.27 -2.75
C ALA A 229 10.99 4.41 -3.19
N PRO A 230 10.14 3.45 -2.86
CA PRO A 230 8.71 3.57 -3.17
C PRO A 230 8.05 4.60 -2.28
N MET A 231 6.89 5.09 -2.75
CA MET A 231 6.03 5.98 -1.99
C MET A 231 5.44 5.22 -0.80
N ARG A 232 4.94 5.95 0.19
CA ARG A 232 4.22 5.28 1.28
C ARG A 232 2.88 4.75 0.83
N HIS A 233 2.24 5.40 -0.15
CA HIS A 233 0.92 4.98 -0.62
C HIS A 233 0.98 4.57 -2.09
N HIS A 234 0.22 3.52 -2.45
CA HIS A 234 -0.05 3.26 -3.85
C HIS A 234 -0.98 4.34 -4.38
N ARG A 235 -0.68 4.86 -5.58
CA ARG A 235 -1.46 5.96 -6.13
C ARG A 235 -1.53 5.85 -7.65
N SER A 236 -2.72 6.02 -8.21
CA SER A 236 -2.89 6.31 -9.63
C SER A 236 -3.61 7.65 -9.77
N ALA A 237 -3.39 8.31 -10.90
CA ALA A 237 -3.94 9.64 -11.16
C ALA A 237 -3.58 10.59 -10.04
N LEU A 238 -2.30 10.53 -9.66
CA LEU A 238 -1.74 11.43 -8.66
C LEU A 238 -1.26 12.71 -9.32
N GLY A 239 -1.23 13.78 -8.53
CA GLY A 239 -0.58 15.01 -8.96
C GLY A 239 0.87 14.99 -8.52
N ILE A 240 1.73 15.67 -9.28
CA ILE A 240 3.16 15.65 -9.01
C ILE A 240 3.77 17.00 -9.40
N THR A 241 4.77 17.42 -8.66
CA THR A 241 5.53 18.60 -9.02
C THR A 241 6.86 18.54 -8.28
N VAL A 242 7.72 19.50 -8.57
CA VAL A 242 9.00 19.64 -7.91
C VAL A 242 9.05 21.02 -7.27
N HIS A 243 9.54 21.07 -6.04
CA HIS A 243 9.62 22.33 -5.32
C HIS A 243 10.88 22.27 -4.47
N GLN A 244 11.83 23.18 -4.73
CA GLN A 244 13.09 23.25 -3.99
C GLN A 244 13.83 21.91 -3.96
N GLY A 245 14.04 21.32 -5.13
CA GLY A 245 14.83 20.11 -5.20
C GLY A 245 14.20 18.87 -4.61
N LYS A 246 12.89 18.88 -4.36
CA LYS A 246 12.19 17.71 -3.86
C LYS A 246 10.93 17.47 -4.68
N ILE A 247 10.55 16.20 -4.82
CA ILE A 247 9.29 15.85 -5.49
C ILE A 247 8.18 15.88 -4.47
N TYR A 248 7.05 16.47 -4.83
CA TYR A 248 5.81 16.39 -4.08
C TYR A 248 4.79 15.63 -4.90
N VAL A 249 4.11 14.65 -4.29
CA VAL A 249 3.02 13.93 -4.93
C VAL A 249 1.75 14.21 -4.15
N LEU A 250 0.65 14.44 -4.87
CA LEU A 250 -0.59 14.91 -4.24
C LEU A 250 -1.73 13.98 -4.59
N GLY A 251 -2.39 13.45 -3.56
CA GLY A 251 -3.62 12.68 -3.78
C GLY A 251 -3.48 11.47 -4.69
N GLY A 252 -4.56 11.21 -5.44
CA GLY A 252 -4.68 10.02 -6.27
C GLY A 252 -5.56 8.96 -5.61
N TYR A 253 -5.80 7.89 -6.37
CA TYR A 253 -6.62 6.77 -5.92
C TYR A 253 -5.71 5.58 -5.60
N ASP A 254 -5.94 4.96 -4.44
CA ASP A 254 -5.07 3.88 -3.98
C ASP A 254 -5.67 2.50 -4.23
N GLY A 255 -6.80 2.44 -4.94
CA GLY A 255 -7.53 1.20 -5.14
C GLY A 255 -8.77 1.10 -4.29
N HIS A 256 -8.88 1.92 -3.24
CA HIS A 256 -9.97 1.85 -2.29
C HIS A 256 -10.40 3.24 -1.85
N THR A 257 -9.44 4.14 -1.61
CA THR A 257 -9.76 5.49 -1.18
C THR A 257 -9.13 6.54 -2.08
N PHE A 258 -9.79 7.68 -2.18
CA PHE A 258 -9.25 8.87 -2.83
C PHE A 258 -8.43 9.59 -1.77
N LEU A 259 -7.12 9.61 -1.95
CA LEU A 259 -6.19 10.03 -0.91
C LEU A 259 -6.17 11.55 -0.75
N ASP A 260 -5.98 12.01 0.49
CA ASP A 260 -5.65 13.41 0.72
C ASP A 260 -4.17 13.58 1.04
N SER A 261 -3.41 12.48 1.01
CA SER A 261 -2.00 12.53 1.41
C SER A 261 -1.14 13.27 0.39
N VAL A 262 -0.21 14.05 0.90
CA VAL A 262 0.86 14.66 0.11
C VAL A 262 2.18 14.14 0.66
N GLU A 263 2.98 13.48 -0.18
CA GLU A 263 4.31 13.05 0.23
C GLU A 263 5.39 13.83 -0.51
N CYS A 264 6.58 13.80 0.07
CA CYS A 264 7.73 14.56 -0.39
C CYS A 264 8.92 13.61 -0.51
N TYR A 265 9.58 13.61 -1.67
CA TYR A 265 10.74 12.77 -1.91
C TYR A 265 12.03 13.60 -1.82
N ASP A 266 12.95 13.17 -0.96
CA ASP A 266 14.26 13.81 -0.84
C ASP A 266 15.28 13.00 -1.60
N PRO A 267 15.82 13.50 -2.71
CA PRO A 267 16.74 12.66 -3.50
C PRO A 267 18.05 12.39 -2.78
N ASP A 268 18.50 13.32 -1.94
CA ASP A 268 19.78 13.15 -1.24
C ASP A 268 19.73 11.97 -0.30
N SER A 269 18.61 11.77 0.39
CA SER A 269 18.45 10.67 1.33
C SER A 269 17.66 9.49 0.77
N ASP A 270 17.11 9.61 -0.45
CA ASP A 270 16.26 8.58 -1.06
C ASP A 270 15.16 8.15 -0.08
N THR A 271 14.42 9.12 0.43
CA THR A 271 13.34 8.86 1.37
C THR A 271 12.11 9.67 1.01
N TRP A 272 10.94 9.06 1.22
CA TRP A 272 9.68 9.79 1.18
C TRP A 272 9.24 10.11 2.61
N SER A 273 8.54 11.23 2.77
CA SER A 273 7.87 11.52 4.03
C SER A 273 6.58 12.29 3.72
N GLU A 274 5.62 12.19 4.65
CA GLU A 274 4.38 12.93 4.50
C GLU A 274 4.58 14.36 5.02
N VAL A 275 4.13 15.35 4.27
CA VAL A 275 4.33 16.74 4.66
C VAL A 275 3.03 17.45 5.01
N THR A 276 1.89 17.02 4.48
CA THR A 276 0.62 17.68 4.74
C THR A 276 -0.47 16.83 4.14
N ARG A 277 -1.70 17.25 4.35
CA ARG A 277 -2.86 16.62 3.75
C ARG A 277 -3.64 17.69 2.99
N MET A 278 -4.09 17.36 1.80
CA MET A 278 -5.03 18.23 1.13
C MET A 278 -6.29 18.37 1.99
N THR A 279 -7.09 19.39 1.70
CA THR A 279 -8.29 19.64 2.49
C THR A 279 -9.34 18.56 2.27
N SER A 280 -9.26 17.82 1.17
CA SER A 280 -10.14 16.69 0.94
C SER A 280 -9.47 15.74 -0.03
N GLY A 281 -9.79 14.46 0.07
CA GLY A 281 -9.20 13.47 -0.82
C GLY A 281 -9.71 13.61 -2.24
N ARG A 282 -8.82 13.41 -3.22
CA ARG A 282 -9.17 13.57 -4.62
C ARG A 282 -8.10 12.93 -5.49
N SER A 283 -8.48 12.63 -6.74
CA SER A 283 -7.56 12.15 -7.76
C SER A 283 -7.67 13.01 -9.02
N GLY A 284 -6.76 12.78 -9.95
CA GLY A 284 -6.84 13.43 -11.25
C GLY A 284 -6.67 14.93 -11.24
N VAL A 285 -5.84 15.46 -10.37
CA VAL A 285 -5.62 16.89 -10.29
C VAL A 285 -4.54 17.33 -11.28
N GLY A 286 -4.52 18.63 -11.56
CA GLY A 286 -3.40 19.27 -12.24
C GLY A 286 -2.62 20.08 -11.22
N VAL A 287 -1.29 20.03 -11.29
CA VAL A 287 -0.40 20.61 -10.28
C VAL A 287 0.70 21.40 -10.97
N ALA A 288 1.04 22.57 -10.41
CA ALA A 288 2.20 23.31 -10.90
C ALA A 288 2.65 24.27 -9.80
N VAL A 289 3.83 24.86 -9.98
CA VAL A 289 4.47 25.70 -8.97
C VAL A 289 4.74 27.09 -9.56
N THR A 290 4.35 28.14 -8.83
CA THR A 290 4.79 29.50 -9.17
C THR A 290 4.68 30.45 -7.97
N GLY B 6 10.19 -3.21 19.05
CA GLY B 6 11.56 -3.71 19.10
C GLY B 6 12.42 -3.18 17.97
N ARG B 7 12.82 -4.06 17.04
CA ARG B 7 13.65 -3.61 15.94
C ARG B 7 13.43 -4.39 14.66
N LEU B 8 13.37 -5.73 14.71
CA LEU B 8 13.19 -6.53 13.50
C LEU B 8 11.91 -7.36 13.57
N ILE B 9 11.35 -7.64 12.39
CA ILE B 9 10.23 -8.57 12.26
C ILE B 9 10.79 -9.93 11.88
N TYR B 10 10.61 -10.90 12.77
CA TYR B 10 11.07 -12.26 12.57
C TYR B 10 9.91 -13.11 12.06
N THR B 11 10.20 -13.95 11.08
CA THR B 11 9.21 -14.93 10.61
C THR B 11 9.86 -16.30 10.67
N ALA B 12 9.14 -17.24 11.28
CA ALA B 12 9.66 -18.58 11.50
C ALA B 12 8.74 -19.60 10.86
N GLY B 13 9.35 -20.62 10.26
CA GLY B 13 8.56 -21.72 9.72
C GLY B 13 7.68 -21.30 8.55
N GLY B 14 6.62 -22.05 8.38
CA GLY B 14 5.69 -21.85 7.30
C GLY B 14 5.59 -23.10 6.46
N TYR B 15 4.89 -22.98 5.34
CA TYR B 15 4.59 -24.11 4.46
C TYR B 15 4.69 -23.68 3.02
N PHE B 16 5.42 -24.47 2.23
CA PHE B 16 5.36 -24.42 0.77
C PHE B 16 5.77 -25.81 0.28
N ARG B 17 4.78 -26.59 -0.17
CA ARG B 17 4.92 -27.99 -0.57
C ARG B 17 5.19 -28.88 0.64
N GLN B 18 5.88 -28.36 1.66
CA GLN B 18 6.05 -29.05 2.93
C GLN B 18 6.33 -28.00 3.99
N SER B 19 6.33 -28.43 5.25
CA SER B 19 6.63 -27.49 6.32
C SER B 19 8.08 -27.05 6.22
N LEU B 20 8.33 -25.82 6.64
CA LEU B 20 9.59 -25.12 6.39
C LEU B 20 10.37 -24.93 7.68
N SER B 21 11.67 -24.69 7.55
CA SER B 21 12.56 -24.48 8.68
C SER B 21 13.13 -23.07 8.73
N TYR B 22 12.63 -22.17 7.90
CA TYR B 22 13.15 -20.82 7.80
C TYR B 22 13.05 -20.09 9.13
N LEU B 23 14.12 -19.39 9.49
CA LEU B 23 14.02 -18.22 10.35
C LEU B 23 14.65 -17.06 9.59
N GLU B 24 13.86 -16.02 9.34
CA GLU B 24 14.30 -14.86 8.59
C GLU B 24 13.77 -13.61 9.27
N ALA B 25 14.47 -12.49 9.11
CA ALA B 25 14.08 -11.28 9.79
C ALA B 25 14.07 -10.13 8.80
N TYR B 26 13.09 -9.26 8.94
CA TYR B 26 12.96 -8.08 8.10
C TYR B 26 13.20 -6.82 8.92
N ASN B 27 14.06 -5.94 8.40
CA ASN B 27 14.35 -4.66 9.02
C ASN B 27 13.59 -3.56 8.27
N PRO B 28 12.48 -3.06 8.80
CA PRO B 28 11.75 -1.98 8.11
C PRO B 28 12.56 -0.71 7.93
N SER B 29 13.58 -0.47 8.75
CA SER B 29 14.33 0.79 8.65
C SER B 29 15.15 0.85 7.37
N ASN B 30 15.64 -0.28 6.87
CA ASN B 30 16.50 -0.26 5.71
C ASN B 30 16.13 -1.26 4.63
N GLY B 31 15.06 -2.03 4.81
CA GLY B 31 14.64 -2.98 3.78
C GLY B 31 15.41 -4.28 3.76
N SER B 32 16.36 -4.49 4.67
CA SER B 32 17.18 -5.70 4.65
C SER B 32 16.40 -6.90 5.16
N TRP B 33 16.63 -8.05 4.52
CA TRP B 33 16.19 -9.35 5.01
C TRP B 33 17.41 -10.11 5.51
N LEU B 34 17.31 -10.68 6.71
CA LEU B 34 18.37 -11.49 7.31
C LEU B 34 17.99 -12.96 7.23
N ARG B 35 18.92 -13.82 6.78
CA ARG B 35 18.76 -15.26 6.88
C ARG B 35 19.42 -15.73 8.18
N LEU B 36 18.61 -16.17 9.13
CA LEU B 36 19.11 -16.58 10.43
C LEU B 36 19.03 -18.10 10.56
N ALA B 37 19.33 -18.60 11.74
CA ALA B 37 19.47 -20.05 11.92
C ALA B 37 18.14 -20.77 11.71
N ASP B 38 18.22 -21.92 11.03
CA ASP B 38 17.03 -22.74 10.80
C ASP B 38 16.45 -23.25 12.10
N LEU B 39 15.13 -23.45 12.11
CA LEU B 39 14.48 -24.25 13.14
C LEU B 39 15.07 -25.66 13.18
N GLN B 40 15.07 -26.26 14.38
CA GLN B 40 15.56 -27.63 14.53
C GLN B 40 14.66 -28.64 13.83
N VAL B 41 13.35 -28.40 13.83
CA VAL B 41 12.37 -29.27 13.18
C VAL B 41 11.48 -28.36 12.33
N PRO B 42 11.13 -28.73 11.10
CA PRO B 42 10.27 -27.86 10.29
C PRO B 42 8.87 -27.80 10.90
N ARG B 43 8.22 -26.65 10.72
CA ARG B 43 6.83 -26.60 11.13
C ARG B 43 6.11 -25.41 10.52
N SER B 44 4.84 -25.63 10.26
CA SER B 44 3.88 -24.64 9.84
C SER B 44 2.74 -24.64 10.84
N GLY B 45 1.87 -23.63 10.75
CA GLY B 45 0.75 -23.56 11.65
C GLY B 45 1.15 -23.27 13.07
N LEU B 46 2.36 -22.76 13.26
CA LEU B 46 2.91 -22.37 14.54
C LEU B 46 2.63 -20.89 14.81
N ALA B 47 2.86 -20.47 16.05
CA ALA B 47 2.79 -19.07 16.43
C ALA B 47 4.14 -18.63 16.97
N GLY B 48 4.47 -17.36 16.76
CA GLY B 48 5.69 -16.76 17.30
C GLY B 48 5.35 -15.70 18.33
N CYS B 49 6.25 -15.51 19.30
CA CYS B 49 6.11 -14.42 20.25
C CYS B 49 7.48 -14.15 20.86
N VAL B 50 7.58 -13.02 21.56
CA VAL B 50 8.83 -12.59 22.17
C VAL B 50 8.60 -12.31 23.65
N VAL B 51 9.46 -12.85 24.50
CA VAL B 51 9.50 -12.50 25.92
C VAL B 51 10.95 -12.24 26.29
N GLY B 52 11.21 -11.09 26.90
CA GLY B 52 12.54 -10.78 27.41
C GLY B 52 13.64 -10.88 26.37
N GLY B 53 13.37 -10.42 25.15
CA GLY B 53 14.37 -10.44 24.11
C GLY B 53 14.57 -11.77 23.41
N LEU B 54 13.86 -12.83 23.82
CA LEU B 54 13.95 -14.13 23.16
C LEU B 54 12.73 -14.37 22.29
N LEU B 55 12.96 -14.99 21.14
CA LEU B 55 11.89 -15.38 20.23
C LEU B 55 11.46 -16.80 20.55
N TYR B 56 10.15 -17.03 20.66
CA TYR B 56 9.62 -18.36 20.90
C TYR B 56 8.80 -18.81 19.70
N ALA B 57 8.97 -20.08 19.33
CA ALA B 57 8.16 -20.73 18.30
C ALA B 57 7.33 -21.83 18.95
N VAL B 58 6.01 -21.75 18.83
CA VAL B 58 5.08 -22.54 19.63
C VAL B 58 4.19 -23.38 18.73
N GLY B 59 4.10 -24.67 19.03
CA GLY B 59 3.11 -25.49 18.38
C GLY B 59 3.39 -25.67 16.90
N GLY B 60 2.34 -25.97 16.15
CA GLY B 60 2.46 -26.21 14.73
C GLY B 60 2.40 -27.68 14.36
N ARG B 61 2.97 -27.97 13.18
CA ARG B 61 2.87 -29.27 12.54
C ARG B 61 4.02 -29.41 11.54
N ASN B 62 4.61 -30.60 11.47
CA ASN B 62 5.50 -30.93 10.37
C ASN B 62 4.72 -31.73 9.32
N ASN B 63 4.29 -31.04 8.25
CA ASN B 63 3.76 -31.69 7.05
C ASN B 63 4.92 -32.02 6.13
N SER B 64 5.33 -33.28 6.11
CA SER B 64 6.43 -33.73 5.27
C SER B 64 5.91 -34.79 4.30
N PRO B 65 6.65 -35.07 3.23
CA PRO B 65 6.24 -36.19 2.35
C PRO B 65 6.20 -37.52 3.08
N ASP B 66 7.01 -37.68 4.14
CA ASP B 66 7.00 -38.91 4.92
C ASP B 66 5.77 -39.02 5.81
N GLY B 67 5.26 -37.90 6.32
CA GLY B 67 4.12 -37.93 7.21
C GLY B 67 3.78 -36.56 7.73
N ASN B 68 2.81 -36.54 8.63
CA ASN B 68 2.30 -35.30 9.24
C ASN B 68 2.26 -35.48 10.74
N THR B 69 3.02 -34.67 11.47
CA THR B 69 3.12 -34.79 12.92
C THR B 69 2.88 -33.44 13.58
N ASP B 70 1.81 -33.36 14.37
CA ASP B 70 1.55 -32.14 15.15
C ASP B 70 2.58 -31.98 16.26
N SER B 71 2.87 -30.72 16.59
CA SER B 71 3.95 -30.38 17.51
C SER B 71 3.39 -29.78 18.81
N SER B 72 3.88 -30.28 19.94
CA SER B 72 3.72 -29.61 21.23
C SER B 72 4.96 -28.78 21.58
N ALA B 73 5.86 -28.58 20.63
CA ALA B 73 7.17 -28.05 20.96
C ALA B 73 7.13 -26.56 21.27
N LEU B 74 8.04 -26.14 22.16
CA LEU B 74 8.34 -24.74 22.40
C LEU B 74 9.85 -24.59 22.28
N ASP B 75 10.28 -23.82 21.29
CA ASP B 75 11.69 -23.61 21.01
C ASP B 75 12.03 -22.14 21.15
N CYS B 76 13.18 -21.88 21.76
CA CYS B 76 13.62 -20.56 22.18
C CYS B 76 14.79 -20.13 21.31
N TYR B 77 14.67 -18.99 20.64
CA TYR B 77 15.73 -18.45 19.80
C TYR B 77 16.33 -17.20 20.45
N ASN B 78 17.65 -17.20 20.62
CA ASN B 78 18.37 -16.09 21.19
C ASN B 78 19.00 -15.29 20.05
N PRO B 79 18.56 -14.06 19.77
CA PRO B 79 19.17 -13.29 18.68
C PRO B 79 20.62 -12.98 18.89
N MET B 80 21.09 -12.94 20.13
CA MET B 80 22.51 -12.62 20.33
C MET B 80 23.41 -13.78 19.98
N THR B 81 22.91 -15.01 20.01
CA THR B 81 23.73 -16.16 19.66
C THR B 81 23.32 -16.81 18.36
N ASN B 82 22.21 -16.37 17.77
CA ASN B 82 21.68 -16.98 16.55
C ASN B 82 21.47 -18.48 16.73
N GLN B 83 21.00 -18.89 17.91
CA GLN B 83 20.84 -20.31 18.22
C GLN B 83 19.45 -20.59 18.73
N TRP B 84 18.86 -21.69 18.25
CA TRP B 84 17.62 -22.25 18.80
C TRP B 84 17.93 -23.23 19.93
N SER B 85 17.16 -23.13 21.02
CA SER B 85 17.26 -24.10 22.10
C SER B 85 15.87 -24.64 22.44
N PRO B 86 15.74 -25.94 22.68
CA PRO B 86 14.43 -26.48 23.04
C PRO B 86 14.04 -26.05 24.45
N CYS B 87 12.80 -25.63 24.59
CA CYS B 87 12.24 -25.31 25.90
C CYS B 87 11.19 -26.36 26.23
N ALA B 88 10.56 -26.23 27.40
CA ALA B 88 9.62 -27.25 27.82
C ALA B 88 8.47 -27.38 26.82
N SER B 89 8.10 -28.62 26.52
CA SER B 89 6.98 -28.84 25.62
C SER B 89 5.64 -28.58 26.31
N MET B 90 4.63 -28.33 25.51
CA MET B 90 3.30 -28.09 26.02
C MET B 90 2.67 -29.42 26.45
N SER B 91 1.51 -29.30 27.10
CA SER B 91 0.77 -30.49 27.54
C SER B 91 0.30 -31.35 26.38
N VAL B 92 0.10 -30.75 25.21
CA VAL B 92 -0.55 -31.42 24.09
C VAL B 92 -0.05 -30.75 22.81
N PRO B 93 0.01 -31.46 21.68
CA PRO B 93 0.35 -30.79 20.42
C PRO B 93 -0.76 -29.85 20.01
N ARG B 94 -0.37 -28.75 19.36
CA ARG B 94 -1.33 -27.69 19.00
C ARG B 94 -0.96 -27.15 17.62
N ASN B 95 -1.55 -27.75 16.59
CA ASN B 95 -1.40 -27.18 15.26
C ASN B 95 -2.42 -26.08 15.05
N ARG B 96 -2.06 -25.08 14.24
CA ARG B 96 -2.91 -23.92 13.96
C ARG B 96 -3.28 -23.23 15.27
N ILE B 97 -2.24 -23.01 16.06
CA ILE B 97 -2.33 -22.46 17.40
C ILE B 97 -2.42 -20.94 17.34
N GLY B 98 -2.94 -20.35 18.41
CA GLY B 98 -2.81 -18.91 18.62
C GLY B 98 -2.12 -18.67 19.96
N VAL B 99 -1.39 -17.56 20.05
CA VAL B 99 -0.52 -17.29 21.20
C VAL B 99 -0.64 -15.81 21.58
N GLY B 100 -0.59 -15.52 22.88
CA GLY B 100 -0.44 -14.16 23.36
C GLY B 100 0.45 -14.12 24.60
N VAL B 101 0.97 -12.93 24.89
CA VAL B 101 1.85 -12.74 26.03
C VAL B 101 1.24 -11.73 26.97
N ILE B 102 1.11 -12.09 28.25
CA ILE B 102 0.70 -11.17 29.30
C ILE B 102 1.69 -11.30 30.46
N ASP B 103 2.27 -10.18 30.87
CA ASP B 103 3.11 -10.13 32.05
C ASP B 103 4.23 -11.17 32.00
N GLY B 104 4.88 -11.25 30.85
CA GLY B 104 6.00 -12.17 30.70
C GLY B 104 5.65 -13.64 30.58
N HIS B 105 4.38 -13.98 30.43
CA HIS B 105 3.95 -15.37 30.32
C HIS B 105 3.35 -15.60 28.94
N ILE B 106 3.64 -16.76 28.34
CA ILE B 106 3.09 -17.12 27.03
C ILE B 106 1.81 -17.93 27.22
N TYR B 107 0.74 -17.52 26.55
CA TYR B 107 -0.51 -18.28 26.57
C TYR B 107 -0.65 -19.02 25.24
N ALA B 108 -0.79 -20.34 25.31
CA ALA B 108 -1.04 -21.17 24.14
C ALA B 108 -2.53 -21.49 24.09
N VAL B 109 -3.18 -21.07 23.00
CA VAL B 109 -4.62 -21.06 22.88
C VAL B 109 -5.05 -22.00 21.76
N GLY B 110 -5.91 -22.96 22.08
CA GLY B 110 -6.56 -23.75 21.05
C GLY B 110 -5.61 -24.60 20.23
N GLY B 111 -5.91 -24.69 18.94
CA GLY B 111 -5.15 -25.56 18.05
C GLY B 111 -5.69 -26.97 18.04
N SER B 112 -5.05 -27.83 17.23
CA SER B 112 -5.54 -29.19 17.04
C SER B 112 -4.43 -30.21 17.29
N HIS B 113 -4.85 -31.40 17.70
CA HIS B 113 -3.97 -32.57 17.81
C HIS B 113 -4.72 -33.68 17.08
N GLY B 114 -4.28 -33.99 15.86
CA GLY B 114 -5.04 -34.92 15.04
C GLY B 114 -6.38 -34.28 14.71
N CYS B 115 -7.46 -34.97 15.10
CA CYS B 115 -8.81 -34.47 14.90
C CYS B 115 -9.39 -33.80 16.13
N ILE B 116 -8.66 -33.75 17.23
CA ILE B 116 -9.10 -33.08 18.44
C ILE B 116 -8.92 -31.59 18.24
N HIS B 117 -9.99 -30.84 18.39
CA HIS B 117 -9.97 -29.39 18.31
C HIS B 117 -10.02 -28.88 19.74
N HIS B 118 -8.93 -28.30 20.22
CA HIS B 118 -8.79 -27.93 21.62
C HIS B 118 -9.62 -26.70 21.96
N SER B 119 -10.27 -26.74 23.12
CA SER B 119 -10.64 -25.50 23.80
C SER B 119 -9.62 -25.14 24.88
N SER B 120 -8.71 -26.05 25.22
CA SER B 120 -7.78 -25.86 26.32
C SER B 120 -6.79 -24.73 26.03
N VAL B 121 -6.29 -24.15 27.11
CA VAL B 121 -5.32 -23.06 27.09
C VAL B 121 -4.32 -23.34 28.18
N GLU B 122 -3.03 -23.12 27.89
CA GLU B 122 -2.01 -23.33 28.92
C GLU B 122 -1.02 -22.15 28.88
N ARG B 123 -0.35 -21.97 30.00
CA ARG B 123 0.43 -20.77 30.27
C ARG B 123 1.88 -21.16 30.57
N TYR B 124 2.81 -20.50 29.89
CA TYR B 124 4.24 -20.79 30.06
C TYR B 124 4.90 -19.68 30.88
N GLU B 125 5.68 -20.09 31.87
CA GLU B 125 6.44 -19.17 32.71
C GLU B 125 7.91 -19.38 32.37
N PRO B 126 8.56 -18.43 31.69
CA PRO B 126 9.97 -18.64 31.30
C PRO B 126 10.93 -18.86 32.46
N GLU B 127 10.75 -18.16 33.59
CA GLU B 127 11.66 -18.35 34.73
C GLU B 127 11.71 -19.79 35.20
N ARG B 128 10.59 -20.50 35.18
CA ARG B 128 10.52 -21.87 35.65
C ARG B 128 10.58 -22.89 34.51
N ASP B 129 10.42 -22.44 33.26
CA ASP B 129 10.35 -23.34 32.11
C ASP B 129 9.31 -24.43 32.34
N GLU B 130 8.11 -24.00 32.73
CA GLU B 130 6.99 -24.91 32.95
C GLU B 130 5.72 -24.38 32.32
N TRP B 131 4.89 -25.30 31.85
CA TRP B 131 3.55 -25.01 31.37
C TRP B 131 2.51 -25.42 32.41
N HIS B 132 1.42 -24.64 32.49
CA HIS B 132 0.28 -24.97 33.34
C HIS B 132 -1.02 -24.63 32.64
N LEU B 133 -1.99 -25.55 32.69
CA LEU B 133 -3.29 -25.28 32.12
C LEU B 133 -3.98 -24.15 32.88
N VAL B 134 -4.71 -23.31 32.15
CA VAL B 134 -5.60 -22.35 32.79
C VAL B 134 -7.01 -22.77 32.38
N ALA B 135 -7.99 -21.91 32.66
CA ALA B 135 -9.36 -22.22 32.27
C ALA B 135 -9.45 -22.35 30.76
N PRO B 136 -10.19 -23.33 30.25
CA PRO B 136 -10.36 -23.43 28.79
C PRO B 136 -11.32 -22.38 28.26
N MET B 137 -11.17 -22.11 26.97
CA MET B 137 -12.10 -21.27 26.23
C MET B 137 -13.50 -21.86 26.26
N LEU B 138 -14.49 -21.00 26.07
CA LEU B 138 -15.88 -21.45 25.96
C LEU B 138 -16.13 -22.19 24.65
N THR B 139 -15.16 -22.20 23.74
CA THR B 139 -15.31 -22.71 22.37
C THR B 139 -14.03 -23.41 21.96
N ARG B 140 -14.16 -24.54 21.26
CA ARG B 140 -13.00 -25.13 20.63
C ARG B 140 -12.59 -24.30 19.42
N ARG B 141 -11.32 -23.91 19.32
CA ARG B 141 -10.89 -23.04 18.23
C ARG B 141 -9.53 -23.49 17.69
N ILE B 142 -9.49 -23.88 16.41
CA ILE B 142 -8.24 -24.03 15.68
C ILE B 142 -8.21 -22.97 14.58
N GLY B 143 -7.01 -22.60 14.15
CA GLY B 143 -6.92 -21.45 13.25
C GLY B 143 -7.41 -20.19 13.93
N VAL B 144 -7.08 -20.05 15.21
CA VAL B 144 -7.58 -18.97 16.06
C VAL B 144 -6.57 -17.84 16.07
N GLY B 145 -7.06 -16.61 16.08
CA GLY B 145 -6.21 -15.44 16.25
C GLY B 145 -6.30 -14.94 17.68
N VAL B 146 -5.19 -14.43 18.19
CA VAL B 146 -5.10 -14.04 19.59
C VAL B 146 -4.50 -12.65 19.68
N ALA B 147 -5.08 -11.81 20.52
CA ALA B 147 -4.60 -10.46 20.72
C ALA B 147 -4.61 -10.16 22.20
N VAL B 148 -3.68 -9.32 22.65
CA VAL B 148 -3.63 -8.92 24.05
C VAL B 148 -3.85 -7.42 24.10
N LEU B 149 -4.81 -6.99 24.93
CA LEU B 149 -5.15 -5.58 25.08
C LEU B 149 -5.61 -5.37 26.53
N ASN B 150 -5.04 -4.36 27.20
CA ASN B 150 -5.42 -4.03 28.58
C ASN B 150 -5.24 -5.22 29.52
N ARG B 151 -4.17 -5.99 29.32
CA ARG B 151 -3.82 -7.17 30.11
C ARG B 151 -4.91 -8.24 30.09
N LEU B 152 -5.74 -8.23 29.05
CA LEU B 152 -6.71 -9.27 28.77
C LEU B 152 -6.34 -9.90 27.44
N LEU B 153 -6.75 -11.15 27.27
CA LEU B 153 -6.40 -11.94 26.10
C LEU B 153 -7.67 -12.22 25.32
N TYR B 154 -7.63 -11.98 24.00
CA TYR B 154 -8.79 -12.16 23.15
C TYR B 154 -8.54 -13.27 22.14
N ALA B 155 -9.50 -14.17 22.00
CA ALA B 155 -9.43 -15.29 21.07
C ALA B 155 -10.48 -15.07 19.99
N VAL B 156 -10.06 -15.01 18.73
CA VAL B 156 -10.87 -14.45 17.66
C VAL B 156 -11.01 -15.46 16.54
N GLY B 157 -12.27 -15.79 16.18
CA GLY B 157 -12.58 -16.67 15.06
C GLY B 157 -12.03 -18.08 15.25
N GLY B 158 -11.75 -18.73 14.12
CA GLY B 158 -11.28 -20.10 14.10
C GLY B 158 -12.34 -21.07 13.61
N PHE B 159 -12.11 -22.36 13.91
CA PHE B 159 -12.97 -23.46 13.48
C PHE B 159 -13.09 -24.41 14.66
N ASP B 160 -14.32 -24.83 14.99
CA ASP B 160 -14.55 -25.62 16.19
C ASP B 160 -14.64 -27.12 15.92
N GLY B 161 -14.39 -27.56 14.69
CA GLY B 161 -14.52 -28.95 14.29
C GLY B 161 -15.73 -29.20 13.43
N THR B 162 -16.79 -28.42 13.62
CA THR B 162 -17.94 -28.44 12.74
C THR B 162 -18.27 -27.08 12.15
N ASN B 163 -17.99 -26.00 12.86
CA ASN B 163 -18.39 -24.66 12.42
C ASN B 163 -17.19 -23.74 12.33
N ARG B 164 -17.11 -22.99 11.23
CA ARG B 164 -16.20 -21.85 11.14
C ARG B 164 -16.85 -20.65 11.85
N LEU B 165 -16.05 -19.90 12.60
CA LEU B 165 -16.56 -19.01 13.63
C LEU B 165 -16.36 -17.54 13.29
N ASN B 166 -17.40 -16.74 13.52
CA ASN B 166 -17.21 -15.31 13.68
C ASN B 166 -17.15 -14.91 15.15
N SER B 167 -17.28 -15.85 16.08
CA SER B 167 -17.32 -15.49 17.49
C SER B 167 -15.94 -15.16 18.03
N ALA B 168 -15.93 -14.50 19.18
CA ALA B 168 -14.72 -14.09 19.87
C ALA B 168 -14.98 -14.12 21.38
N GLU B 169 -13.92 -14.33 22.15
CA GLU B 169 -14.04 -14.36 23.59
C GLU B 169 -12.80 -13.76 24.23
N CYS B 170 -12.97 -13.36 25.49
CA CYS B 170 -11.99 -12.59 26.24
C CYS B 170 -11.61 -13.35 27.49
N TYR B 171 -10.31 -13.48 27.74
CA TYR B 171 -9.79 -14.16 28.93
C TYR B 171 -9.34 -13.14 29.96
N TYR B 172 -9.74 -13.35 31.22
CA TYR B 172 -9.36 -12.50 32.34
C TYR B 172 -8.32 -13.24 33.19
N PRO B 173 -7.03 -12.96 33.03
CA PRO B 173 -6.02 -13.71 33.80
C PRO B 173 -6.21 -13.65 35.30
N GLU B 174 -6.53 -12.47 35.86
CA GLU B 174 -6.68 -12.36 37.31
C GLU B 174 -7.86 -13.16 37.83
N ARG B 175 -8.94 -13.28 37.05
CA ARG B 175 -10.09 -14.06 37.48
C ARG B 175 -10.04 -15.51 36.99
N ASN B 176 -9.19 -15.81 36.00
CA ASN B 176 -9.11 -17.11 35.34
C ASN B 176 -10.47 -17.56 34.79
N GLU B 177 -11.06 -16.71 33.94
CA GLU B 177 -12.34 -17.04 33.32
C GLU B 177 -12.44 -16.37 31.95
N TRP B 178 -13.30 -16.92 31.11
CA TRP B 178 -13.55 -16.45 29.76
C TRP B 178 -14.97 -15.92 29.65
N ARG B 179 -15.16 -14.89 28.81
CA ARG B 179 -16.47 -14.33 28.50
C ARG B 179 -16.57 -14.09 26.99
N MET B 180 -17.70 -14.45 26.39
CA MET B 180 -17.87 -14.16 24.98
C MET B 180 -18.02 -12.66 24.75
N ILE B 181 -17.50 -12.18 23.62
CA ILE B 181 -17.70 -10.79 23.26
C ILE B 181 -18.52 -10.71 21.97
N THR B 182 -18.72 -9.49 21.48
CA THR B 182 -19.47 -9.31 20.24
C THR B 182 -18.80 -10.07 19.11
N PRO B 183 -19.54 -10.86 18.35
CA PRO B 183 -18.95 -11.53 17.20
C PRO B 183 -18.59 -10.55 16.10
N MET B 184 -17.64 -11.00 15.29
CA MET B 184 -17.11 -10.37 14.09
C MET B 184 -18.24 -10.25 13.05
N ASN B 185 -18.08 -9.30 12.13
CA ASN B 185 -19.02 -9.21 11.02
C ASN B 185 -18.81 -10.29 9.98
N THR B 186 -17.66 -10.99 10.02
CA THR B 186 -17.31 -11.99 9.03
C THR B 186 -16.84 -13.24 9.75
N ILE B 187 -17.22 -14.42 9.22
CA ILE B 187 -16.62 -15.67 9.68
C ILE B 187 -15.18 -15.72 9.19
N ARG B 188 -14.25 -16.03 10.10
CA ARG B 188 -12.83 -16.08 9.74
C ARG B 188 -12.13 -17.17 10.54
N SER B 189 -11.57 -18.15 9.84
CA SER B 189 -10.49 -18.96 10.37
C SER B 189 -9.21 -18.58 9.64
N GLY B 190 -8.07 -18.76 10.31
CA GLY B 190 -6.79 -18.44 9.67
C GLY B 190 -6.56 -16.97 9.40
N ALA B 191 -7.22 -16.09 10.14
CA ALA B 191 -6.99 -14.66 9.99
C ALA B 191 -5.74 -14.24 10.75
N GLY B 192 -5.23 -13.05 10.41
CA GLY B 192 -4.22 -12.41 11.23
C GLY B 192 -4.91 -11.52 12.24
N VAL B 193 -4.56 -11.69 13.52
CA VAL B 193 -5.18 -10.91 14.58
C VAL B 193 -4.08 -10.24 15.39
N CYS B 194 -4.23 -8.93 15.64
CA CYS B 194 -3.23 -8.16 16.37
C CYS B 194 -3.91 -6.98 17.07
N VAL B 195 -3.12 -6.19 17.79
CA VAL B 195 -3.63 -5.01 18.47
C VAL B 195 -2.87 -3.81 17.95
N LEU B 196 -3.61 -2.75 17.62
CA LEU B 196 -3.01 -1.50 17.17
C LEU B 196 -3.82 -0.33 17.70
N HIS B 197 -3.14 0.57 18.40
CA HIS B 197 -3.76 1.80 18.91
C HIS B 197 -5.08 1.49 19.59
N ASN B 198 -5.03 0.52 20.51
CA ASN B 198 -6.12 0.18 21.41
C ASN B 198 -7.30 -0.51 20.75
N CYS B 199 -7.16 -1.01 19.51
CA CYS B 199 -8.22 -1.78 18.85
C CYS B 199 -7.69 -3.15 18.43
N ILE B 200 -8.58 -4.14 18.39
CA ILE B 200 -8.20 -5.47 17.94
C ILE B 200 -8.51 -5.59 16.45
N TYR B 201 -7.51 -5.95 15.64
CA TYR B 201 -7.69 -6.11 14.19
C TYR B 201 -7.77 -7.58 13.80
N ALA B 202 -8.64 -7.89 12.84
CA ALA B 202 -8.71 -9.22 12.24
C ALA B 202 -8.66 -9.02 10.73
N ALA B 203 -7.60 -9.51 10.11
CA ALA B 203 -7.32 -9.27 8.69
C ALA B 203 -7.33 -10.61 7.95
N GLY B 204 -8.10 -10.66 6.86
CA GLY B 204 -8.05 -11.83 6.02
C GLY B 204 -8.63 -13.07 6.69
N GLY B 205 -8.17 -14.22 6.22
CA GLY B 205 -8.63 -15.51 6.69
C GLY B 205 -9.50 -16.19 5.66
N TYR B 206 -10.34 -17.10 6.15
CA TYR B 206 -11.15 -17.97 5.30
C TYR B 206 -12.55 -18.08 5.90
N ASP B 207 -13.58 -17.79 5.10
CA ASP B 207 -14.95 -17.72 5.63
C ASP B 207 -15.76 -19.00 5.39
N GLY B 208 -15.12 -20.07 4.92
CA GLY B 208 -15.82 -21.28 4.56
C GLY B 208 -16.01 -21.44 3.07
N GLN B 209 -15.94 -20.33 2.31
CA GLN B 209 -16.04 -20.36 0.86
C GLN B 209 -14.80 -19.78 0.19
N ASP B 210 -14.32 -18.63 0.67
CA ASP B 210 -13.25 -17.91 -0.01
C ASP B 210 -12.24 -17.38 1.00
N GLN B 211 -11.01 -17.22 0.51
CA GLN B 211 -10.03 -16.42 1.23
C GLN B 211 -10.42 -14.95 1.17
N LEU B 212 -10.10 -14.22 2.25
CA LEU B 212 -10.60 -12.86 2.45
C LEU B 212 -9.51 -11.83 2.29
N ASN B 213 -9.87 -10.66 1.74
CA ASN B 213 -9.00 -9.50 1.89
C ASN B 213 -9.54 -8.49 2.91
N SER B 214 -10.74 -8.70 3.43
CA SER B 214 -11.34 -7.71 4.30
C SER B 214 -10.66 -7.69 5.67
N VAL B 215 -10.76 -6.53 6.33
CA VAL B 215 -10.16 -6.29 7.63
C VAL B 215 -11.17 -5.57 8.50
N GLU B 216 -11.37 -6.06 9.72
CA GLU B 216 -12.28 -5.39 10.64
C GLU B 216 -11.61 -5.23 11.99
N ARG B 217 -12.05 -4.23 12.74
CA ARG B 217 -11.38 -3.94 14.00
C ARG B 217 -12.42 -3.73 15.09
N TYR B 218 -12.06 -4.17 16.29
CA TYR B 218 -12.95 -4.15 17.45
C TYR B 218 -12.53 -3.06 18.41
N ASP B 219 -13.48 -2.22 18.81
CA ASP B 219 -13.27 -1.20 19.82
C ASP B 219 -13.85 -1.73 21.13
N VAL B 220 -12.99 -1.94 22.13
CA VAL B 220 -13.43 -2.64 23.33
C VAL B 220 -14.45 -1.85 24.14
N GLU B 221 -14.49 -0.53 23.99
CA GLU B 221 -15.45 0.26 24.76
C GLU B 221 -16.78 0.37 24.02
N THR B 222 -16.76 0.63 22.72
CA THR B 222 -18.00 0.66 21.95
C THR B 222 -18.53 -0.75 21.65
N GLU B 223 -17.72 -1.79 21.85
CA GLU B 223 -18.13 -3.17 21.64
C GLU B 223 -18.59 -3.42 20.20
N THR B 224 -18.00 -2.70 19.25
CA THR B 224 -18.42 -2.77 17.86
C THR B 224 -17.24 -3.17 16.97
N TRP B 225 -17.52 -4.04 16.00
CA TRP B 225 -16.59 -4.37 14.94
C TRP B 225 -16.91 -3.50 13.74
N THR B 226 -15.88 -2.85 13.18
CA THR B 226 -15.99 -1.99 12.02
C THR B 226 -14.96 -2.35 10.97
N PHE B 227 -15.39 -2.42 9.71
CA PHE B 227 -14.47 -2.67 8.61
C PHE B 227 -13.58 -1.46 8.34
N VAL B 228 -12.32 -1.73 8.01
CA VAL B 228 -11.43 -0.69 7.54
C VAL B 228 -11.08 -1.02 6.10
N ALA B 229 -10.03 -0.38 5.57
CA ALA B 229 -9.65 -0.68 4.20
C ALA B 229 -9.22 -2.13 4.07
N PRO B 230 -9.56 -2.81 2.98
CA PRO B 230 -9.11 -4.19 2.77
C PRO B 230 -7.67 -4.25 2.30
N MET B 231 -7.05 -5.41 2.58
CA MET B 231 -5.71 -5.67 2.12
C MET B 231 -5.65 -5.65 0.60
N ARG B 232 -4.44 -5.40 0.07
CA ARG B 232 -4.23 -5.47 -1.36
C ARG B 232 -4.40 -6.89 -1.90
N HIS B 233 -4.05 -7.91 -1.09
CA HIS B 233 -4.20 -9.30 -1.52
C HIS B 233 -5.04 -10.11 -0.54
N HIS B 234 -5.94 -10.91 -1.09
CA HIS B 234 -6.62 -11.93 -0.29
C HIS B 234 -5.60 -12.89 0.29
N ARG B 235 -5.81 -13.30 1.54
CA ARG B 235 -4.88 -14.26 2.12
C ARG B 235 -5.51 -14.92 3.33
N SER B 236 -5.19 -16.19 3.52
CA SER B 236 -5.47 -16.91 4.75
C SER B 236 -4.19 -17.56 5.24
N ALA B 237 -4.17 -17.93 6.52
CA ALA B 237 -2.97 -18.47 7.15
C ALA B 237 -1.81 -17.50 6.94
N LEU B 238 -2.12 -16.21 7.12
CA LEU B 238 -1.15 -15.13 7.05
C LEU B 238 -0.49 -14.92 8.41
N GLY B 239 0.77 -14.49 8.38
CA GLY B 239 1.42 -13.99 9.58
C GLY B 239 1.13 -12.50 9.75
N ILE B 240 1.16 -12.03 10.99
CA ILE B 240 0.82 -10.64 11.28
C ILE B 240 1.63 -10.17 12.47
N THR B 241 1.97 -8.88 12.47
CA THR B 241 2.58 -8.26 13.65
C THR B 241 2.43 -6.75 13.52
N VAL B 242 2.90 -6.03 14.54
CA VAL B 242 2.84 -4.58 14.58
C VAL B 242 4.24 -4.05 14.80
N HIS B 243 4.61 -3.03 14.04
CA HIS B 243 5.95 -2.45 14.13
C HIS B 243 5.79 -0.96 13.88
N GLN B 244 6.16 -0.16 14.87
CA GLN B 244 6.14 1.30 14.76
C GLN B 244 4.77 1.82 14.33
N GLY B 245 3.72 1.33 14.99
CA GLY B 245 2.40 1.88 14.75
C GLY B 245 1.75 1.44 13.47
N LYS B 246 2.29 0.41 12.81
CA LYS B 246 1.73 -0.12 11.58
C LYS B 246 1.59 -1.63 11.69
N ILE B 247 0.54 -2.18 11.06
CA ILE B 247 0.37 -3.62 10.95
C ILE B 247 1.18 -4.08 9.74
N TYR B 248 1.87 -5.21 9.89
CA TYR B 248 2.51 -5.91 8.78
C TYR B 248 1.87 -7.30 8.67
N VAL B 249 1.45 -7.66 7.46
CA VAL B 249 0.94 -9.00 7.19
C VAL B 249 1.91 -9.68 6.24
N LEU B 250 2.14 -10.98 6.46
CA LEU B 250 3.20 -11.71 5.76
C LEU B 250 2.64 -13.00 5.18
N GLY B 251 2.76 -13.14 3.85
CA GLY B 251 2.42 -14.37 3.15
C GLY B 251 0.98 -14.81 3.30
N GLY B 252 0.79 -16.13 3.33
CA GLY B 252 -0.51 -16.76 3.34
C GLY B 252 -0.80 -17.43 2.00
N TYR B 253 -1.96 -18.10 1.96
CA TYR B 253 -2.50 -18.73 0.76
C TYR B 253 -3.70 -17.92 0.28
N ASP B 254 -3.70 -17.55 -1.00
CA ASP B 254 -4.77 -16.69 -1.54
C ASP B 254 -5.87 -17.48 -2.24
N GLY B 255 -5.87 -18.80 -2.13
CA GLY B 255 -6.74 -19.63 -2.91
C GLY B 255 -6.08 -20.24 -4.14
N HIS B 256 -4.93 -19.71 -4.56
CA HIS B 256 -4.25 -20.22 -5.74
C HIS B 256 -2.74 -20.38 -5.52
N THR B 257 -2.10 -19.40 -4.87
CA THR B 257 -0.66 -19.46 -4.69
C THR B 257 -0.28 -19.12 -3.25
N PHE B 258 0.91 -19.57 -2.86
CA PHE B 258 1.49 -19.21 -1.57
C PHE B 258 2.24 -17.89 -1.73
N LEU B 259 1.80 -16.87 -0.99
CA LEU B 259 2.24 -15.51 -1.25
C LEU B 259 3.60 -15.21 -0.62
N ASP B 260 4.40 -14.40 -1.32
CA ASP B 260 5.59 -13.81 -0.72
C ASP B 260 5.38 -12.34 -0.36
N SER B 261 4.21 -11.78 -0.70
CA SER B 261 3.95 -10.37 -0.43
C SER B 261 3.87 -10.09 1.07
N VAL B 262 4.49 -8.98 1.48
CA VAL B 262 4.32 -8.39 2.80
C VAL B 262 3.67 -7.02 2.62
N GLU B 263 2.54 -6.79 3.28
CA GLU B 263 1.82 -5.51 3.21
C GLU B 263 1.86 -4.80 4.55
N CYS B 264 1.71 -3.49 4.48
CA CYS B 264 1.75 -2.62 5.65
C CYS B 264 0.47 -1.79 5.71
N TYR B 265 -0.17 -1.76 6.88
CA TYR B 265 -1.37 -0.96 7.08
C TYR B 265 -1.03 0.32 7.84
N ASP B 266 -1.35 1.48 7.23
CA ASP B 266 -1.21 2.82 7.79
C ASP B 266 -2.55 3.23 8.40
N PRO B 267 -2.71 3.20 9.73
CA PRO B 267 -4.02 3.54 10.31
C PRO B 267 -4.37 5.00 10.17
N ASP B 268 -3.37 5.87 9.97
CA ASP B 268 -3.64 7.30 9.81
C ASP B 268 -4.31 7.60 8.47
N SER B 269 -3.93 6.88 7.42
CA SER B 269 -4.51 7.06 6.10
C SER B 269 -5.53 5.99 5.75
N ASP B 270 -5.65 4.94 6.58
CA ASP B 270 -6.49 3.79 6.28
C ASP B 270 -6.12 3.18 4.91
N THR B 271 -4.84 2.81 4.79
CA THR B 271 -4.34 2.30 3.50
C THR B 271 -3.34 1.17 3.74
N TRP B 272 -3.30 0.25 2.77
CA TRP B 272 -2.38 -0.88 2.74
C TRP B 272 -1.38 -0.68 1.61
N SER B 273 -0.12 -1.02 1.85
CA SER B 273 0.94 -0.81 0.88
C SER B 273 1.84 -2.04 0.86
N GLU B 274 2.23 -2.45 -0.34
CA GLU B 274 3.24 -3.50 -0.46
C GLU B 274 4.61 -2.93 -0.09
N VAL B 275 5.24 -3.51 0.93
CA VAL B 275 6.47 -2.95 1.44
C VAL B 275 7.69 -3.80 1.12
N THR B 276 7.53 -5.11 0.98
CA THR B 276 8.64 -6.01 0.63
C THR B 276 8.06 -7.36 0.23
N ARG B 277 8.95 -8.27 -0.16
CA ARG B 277 8.61 -9.65 -0.46
C ARG B 277 9.48 -10.56 0.39
N MET B 278 8.91 -11.62 0.94
CA MET B 278 9.76 -12.64 1.51
C MET B 278 10.56 -13.33 0.42
N THR B 279 11.62 -14.04 0.84
CA THR B 279 12.52 -14.69 -0.10
C THR B 279 11.83 -15.83 -0.85
N SER B 280 10.70 -16.32 -0.34
CA SER B 280 9.92 -17.35 -1.01
C SER B 280 8.49 -17.28 -0.47
N GLY B 281 7.53 -17.61 -1.34
CA GLY B 281 6.13 -17.59 -0.90
C GLY B 281 5.85 -18.70 0.09
N ARG B 282 5.02 -18.40 1.09
CA ARG B 282 4.75 -19.38 2.13
C ARG B 282 3.51 -18.94 2.92
N SER B 283 2.94 -19.89 3.65
CA SER B 283 1.81 -19.63 4.53
C SER B 283 2.09 -20.27 5.87
N GLY B 284 1.23 -19.98 6.84
CA GLY B 284 1.31 -20.64 8.13
C GLY B 284 2.53 -20.33 8.95
N VAL B 285 3.07 -19.11 8.81
CA VAL B 285 4.27 -18.71 9.53
C VAL B 285 3.91 -18.20 10.92
N GLY B 286 4.91 -18.18 11.78
CA GLY B 286 4.85 -17.48 13.06
C GLY B 286 5.72 -16.23 12.98
N VAL B 287 5.26 -15.15 13.59
CA VAL B 287 5.82 -13.82 13.39
C VAL B 287 5.87 -13.11 14.73
N ALA B 288 6.96 -12.39 15.00
CA ALA B 288 7.07 -11.56 16.20
C ALA B 288 8.14 -10.52 15.96
N VAL B 289 8.20 -9.53 16.86
CA VAL B 289 9.08 -8.36 16.71
C VAL B 289 9.95 -8.23 17.95
N THR B 290 11.26 -8.11 17.75
CA THR B 290 12.15 -7.76 18.87
C THR B 290 13.47 -7.16 18.39
C10 A1L9D C . -8.94 9.07 -14.23
C15 A1L9D C . -10.80 9.07 -11.36
C16 A1L9D C . -12.17 8.88 -11.27
C01 A1L9D C . -6.70 8.40 -15.03
C02 A1L9D C . -7.59 9.42 -14.58
C03 A1L9D C . -7.11 10.73 -14.50
C04 A1L9D C . -5.82 11.09 -14.83
C05 A1L9D C . -4.93 10.08 -15.28
C06 A1L9D C . -5.38 8.79 -15.37
C07 A1L9D C . -7.13 7.01 -15.15
C08 A1L9D C . -8.43 6.72 -14.79
C09 A1L9D C . -9.29 7.78 -14.34
C17 A1L9D C . -12.82 7.84 -10.65
C18 A1L9D C . -12.14 6.82 -10.01
C19 A1L9D C . -10.71 6.93 -10.06
C20 A1L9D C . -10.09 8.01 -10.71
C22 A1L9D C . -12.04 4.66 -8.90
C23 A1L9D C . -12.97 3.60 -8.25
C28 A1L9D C . -6.20 3.69 -14.37
C29 A1L9D C . -6.70 2.93 -15.47
C30 A1L9D C . -7.49 1.79 -15.34
C31 A1L9D C . -7.83 1.30 -14.04
C32 A1L9D C . -7.35 2.04 -12.93
C33 A1L9D C . -6.56 3.18 -13.11
C35 A1L9D C . -9.17 -0.17 -12.68
C36 A1L9D C . -9.89 -1.51 -12.88
C37 A1L9D C . -9.09 5.33 -14.82
C38 A1L9D C . -9.94 5.12 -13.47
C41 A1L9D C . -12.31 4.96 -12.40
C42 A1L9D C . -13.63 5.06 -12.80
C43 A1L9D C . -13.62 5.30 -14.20
C44 A1L9D C . -12.31 5.35 -14.61
N11 A1L9D C . -9.83 10.08 -13.78
N24 A1L9D C . -6.15 6.13 -15.60
N39 A1L9D C . -11.44 5.15 -13.52
O13 A1L9D C . -10.96 11.57 -12.15
O14 A1L9D C . -8.79 10.70 -11.62
O21 A1L9D C . -12.77 5.79 -9.41
O26 A1L9D C . -4.92 5.79 -13.45
O27 A1L9D C . -4.16 4.76 -15.51
O34 A1L9D C . -8.60 0.19 -13.94
O40 A1L9D C . -9.40 4.96 -12.43
S12 A1L9D C . -10.07 10.45 -12.18
S25 A1L9D C . -5.23 5.09 -14.66
C FMT D . 15.88 19.40 -30.95
O1 FMT D . 15.80 18.88 -32.06
O2 FMT D . 15.01 20.11 -30.44
C FMT E . -15.02 21.79 -22.89
O1 FMT E . -14.46 21.57 -23.97
O2 FMT E . -15.99 21.17 -22.43
C FMT F . 12.96 24.91 -21.72
O1 FMT F . 12.93 24.50 -20.55
O2 FMT F . 12.51 26.00 -22.10
C FMT G . -5.48 4.93 -18.79
O1 FMT G . -6.21 3.94 -18.93
O2 FMT G . -5.84 6.04 -18.38
C FMT H . 11.62 27.45 -33.14
O1 FMT H . 11.92 26.25 -33.24
O2 FMT H . 12.38 28.39 -33.37
C10 A1L9D I . -5.67 -23.26 8.01
C15 A1L9D I . -8.41 -22.61 5.84
C16 A1L9D I . -9.40 -23.58 6.11
C01 A1L9D I . -3.23 -23.28 8.42
C02 A1L9D I . -4.53 -22.72 8.66
C03 A1L9D I . -4.62 -21.64 9.57
C04 A1L9D I . -3.53 -21.11 10.21
C05 A1L9D I . -2.23 -21.67 9.97
C06 A1L9D I . -2.13 -22.71 9.10
C07 A1L9D I . -3.05 -24.39 7.51
C08 A1L9D I . -4.18 -24.88 6.87
C09 A1L9D I . -5.45 -24.29 7.15
C17 A1L9D I . -10.06 -24.35 5.15
C18 A1L9D I . -9.78 -24.21 3.78
C19 A1L9D I . -8.80 -23.23 3.45
C20 A1L9D I . -8.16 -22.48 4.44
C22 A1L9D I . -10.17 -24.67 1.41
C23 A1L9D I . -10.09 -25.95 0.53
C28 A1L9D I . -1.19 -24.61 4.62
C29 A1L9D I . -0.89 -25.81 3.92
C30 A1L9D I . -1.38 -26.12 2.66
C31 A1L9D I . -2.25 -25.24 1.98
C32 A1L9D I . -2.58 -24.04 2.65
C33 A1L9D I . -2.06 -23.77 3.91
C35 A1L9D I . -3.81 -24.88 0.19
C36 A1L9D I . -4.11 -25.52 -1.17
C37 A1L9D I . -4.14 -26.05 5.89
C38 A1L9D I . -5.00 -25.84 4.53
C41 A1L9D I . -5.63 -27.03 2.34
C42 A1L9D I . -5.35 -28.27 1.77
C43 A1L9D I . -4.50 -28.98 2.67
C44 A1L9D I . -4.28 -28.18 3.77
N11 A1L9D I . -6.93 -22.69 8.24
N24 A1L9D I . -1.70 -24.82 7.36
N39 A1L9D I . -4.97 -26.95 3.62
O13 A1L9D I . -6.63 -20.82 6.62
O14 A1L9D I . -8.68 -21.02 7.84
O21 A1L9D I . -10.41 -24.95 2.81
O26 A1L9D I . -0.29 -22.89 6.38
O27 A1L9D I . 0.63 -25.04 6.52
O34 A1L9D I . -2.70 -25.59 0.75
O40 A1L9D I . -5.61 -24.84 4.27
S12 A1L9D I . -7.64 -21.67 7.14
S25 A1L9D I . -0.53 -24.29 6.21
C FMT J . -8.53 -9.80 35.02
O1 FMT J . -7.43 -10.24 34.64
O2 FMT J . -9.35 -10.44 35.68
C FMT K . 1.31 -7.39 29.02
O1 FMT K . 1.55 -7.38 30.23
O2 FMT K . 0.36 -6.83 28.48
#